data_8R7O
#
_entry.id   8R7O
#
_cell.length_a   62.915
_cell.length_b   62.915
_cell.length_c   231.945
_cell.angle_alpha   90.000
_cell.angle_beta   90.000
_cell.angle_gamma   90.000
#
_symmetry.space_group_name_H-M   'P 43 21 2'
#
loop_
_entity.id
_entity.type
_entity.pdbx_description
1 polymer 'E3 ubiquitin-protein ligase HUWE1'
2 non-polymer 'CHLORIDE ION'
3 non-polymer '[[(2~{R},3~{R},4~{R},5~{R})-5-(6-aminopurin-9-yl)-4-fluoranyl-3-oxidanyl-oxolan-2-yl]methoxy-oxidanyl-phosphoryl] phosphono hydrogen phosphate'
4 non-polymer 'SODIUM ION'
5 water water
#
_entity_poly.entity_id   1
_entity_poly.type   'polypeptide(L)'
_entity_poly.pdbx_seq_one_letter_code
;GQSNSNNWRWFDDRSGRWCSYSASNNSTIDSAWKSGETSVRFTAGRRRYTVQFTTMVQVNEETGNRRPVMLTLLRVPRLN
KNSKNSNGQEL
;
_entity_poly.pdbx_strand_id   A,B,C,D
#
loop_
_chem_comp.id
_chem_comp.type
_chem_comp.name
_chem_comp.formula
CL non-polymer 'CHLORIDE ION' 'Cl -1'
NA non-polymer 'SODIUM ION' 'Na 1'
YGC non-polymer '[[(2~{R},3~{R},4~{R},5~{R})-5-(6-aminopurin-9-yl)-4-fluoranyl-3-oxidanyl-oxolan-2-yl]methoxy-oxidanyl-phosphoryl] phosphono hydrogen phosphate' 'C10 H15 F N5 O12 P3'
#
# COMPACT_ATOMS: atom_id res chain seq x y z
N ASN A 6 -2.75 -4.70 -15.93
CA ASN A 6 -3.19 -3.31 -15.92
C ASN A 6 -2.98 -2.65 -14.56
N ASN A 7 -1.87 -2.99 -13.91
CA ASN A 7 -1.59 -2.45 -12.60
C ASN A 7 -0.85 -1.10 -12.63
N TRP A 8 -0.15 -0.74 -13.72
CA TRP A 8 0.50 0.55 -13.85
C TRP A 8 -0.33 1.46 -14.74
N ARG A 9 -0.32 2.77 -14.44
CA ARG A 9 -1.04 3.75 -15.26
C ARG A 9 -0.15 4.98 -15.47
N TRP A 10 -0.40 5.68 -16.56
CA TRP A 10 0.27 6.94 -16.85
C TRP A 10 -0.80 8.01 -17.06
N PHE A 11 -0.50 9.25 -16.67
CA PHE A 11 -1.53 10.28 -16.75
C PHE A 11 -1.42 11.04 -18.07
N ASP A 12 -2.54 11.25 -18.72
CA ASP A 12 -2.58 12.04 -19.95
C ASP A 12 -3.13 13.43 -19.67
N ASP A 13 -2.26 14.45 -19.75
CA ASP A 13 -2.70 15.82 -19.47
C ASP A 13 -3.59 16.35 -20.56
N ARG A 14 -3.59 15.75 -21.75
CA ARG A 14 -4.42 16.31 -22.80
C ARG A 14 -5.87 16.02 -22.50
N SER A 15 -6.18 14.78 -22.13
CA SER A 15 -7.53 14.40 -21.78
C SER A 15 -7.85 14.53 -20.29
N GLY A 16 -6.86 14.64 -19.41
CA GLY A 16 -7.09 14.71 -17.98
C GLY A 16 -7.43 13.39 -17.33
N ARG A 17 -6.89 12.28 -17.83
CA ARG A 17 -7.26 10.98 -17.32
C ARG A 17 -6.03 10.08 -17.20
N TRP A 18 -6.07 9.17 -16.24
CA TRP A 18 -5.09 8.09 -16.18
C TRP A 18 -5.39 7.05 -17.25
N CYS A 19 -4.33 6.47 -17.80
CA CYS A 19 -4.43 5.57 -18.94
C CYS A 19 -3.63 4.30 -18.68
N SER A 20 -4.09 3.19 -19.28
CA SER A 20 -3.41 1.91 -19.13
C SER A 20 -2.25 1.80 -20.12
N TYR A 21 -1.29 0.95 -19.76
CA TYR A 21 -0.25 0.53 -20.68
C TYR A 21 -0.69 -0.71 -21.44
N SER A 22 0.01 -1.00 -22.53
CA SER A 22 -0.17 -2.29 -23.16
C SER A 22 0.23 -3.40 -22.19
N ALA A 23 -0.29 -4.61 -22.42
CA ALA A 23 0.08 -5.71 -21.54
C ALA A 23 1.60 -5.94 -21.50
N SER A 24 2.25 -5.84 -22.66
N SER A 24 2.26 -5.83 -22.65
CA SER A 24 3.70 -6.04 -22.71
CA SER A 24 3.70 -6.07 -22.68
C SER A 24 4.44 -4.95 -21.96
C SER A 24 4.47 -4.94 -21.98
N ASN A 25 4.04 -3.69 -22.14
CA ASN A 25 4.76 -2.61 -21.47
C ASN A 25 4.49 -2.63 -19.98
N ASN A 26 3.25 -2.94 -19.57
CA ASN A 26 2.97 -3.10 -18.15
C ASN A 26 3.87 -4.18 -17.55
N SER A 27 4.04 -5.30 -18.27
N SER A 27 4.05 -5.29 -18.27
CA SER A 27 4.89 -6.38 -17.75
CA SER A 27 4.89 -6.36 -17.76
C SER A 27 6.35 -5.94 -17.65
C SER A 27 6.34 -5.93 -17.64
N THR A 28 6.85 -5.20 -18.64
CA THR A 28 8.22 -4.72 -18.59
C THR A 28 8.41 -3.80 -17.38
N ILE A 29 7.47 -2.86 -17.18
CA ILE A 29 7.55 -1.95 -16.05
C ILE A 29 7.44 -2.73 -14.75
N ASP A 30 6.45 -3.62 -14.64
CA ASP A 30 6.22 -4.30 -13.37
C ASP A 30 7.36 -5.26 -13.02
N SER A 31 7.99 -5.86 -14.03
CA SER A 31 9.11 -6.76 -13.77
C SER A 31 10.28 -6.01 -13.14
N ALA A 32 10.55 -4.80 -13.64
CA ALA A 32 11.62 -3.99 -13.08
C ALA A 32 11.26 -3.52 -11.68
N TRP A 33 9.98 -3.14 -11.47
CA TRP A 33 9.53 -2.75 -10.14
C TRP A 33 9.78 -3.85 -9.13
N LYS A 34 9.38 -5.07 -9.47
CA LYS A 34 9.48 -6.23 -8.60
C LYS A 34 10.93 -6.65 -8.38
N SER A 35 11.83 -6.33 -9.32
N SER A 35 11.85 -6.34 -9.31
CA SER A 35 13.24 -6.67 -9.21
CA SER A 35 13.24 -6.72 -9.11
C SER A 35 14.04 -5.66 -8.39
C SER A 35 14.05 -5.65 -8.40
N GLY A 36 13.41 -4.59 -7.93
CA GLY A 36 14.12 -3.59 -7.16
C GLY A 36 14.86 -2.53 -7.97
N GLU A 37 14.63 -2.45 -9.28
CA GLU A 37 15.31 -1.47 -10.10
C GLU A 37 14.79 -0.07 -9.74
N THR A 38 15.63 0.94 -9.94
CA THR A 38 15.17 2.31 -9.71
C THR A 38 14.51 2.94 -10.93
N SER A 39 14.69 2.35 -12.12
CA SER A 39 14.08 2.84 -13.33
C SER A 39 14.06 1.69 -14.35
N VAL A 40 13.32 1.93 -15.44
CA VAL A 40 13.20 0.95 -16.51
C VAL A 40 12.94 1.67 -17.83
N ARG A 41 13.52 1.13 -18.89
CA ARG A 41 13.28 1.65 -20.23
CA ARG A 41 13.31 1.64 -20.25
C ARG A 41 12.33 0.73 -20.97
N PHE A 42 11.48 1.33 -21.81
CA PHE A 42 10.63 0.56 -22.69
C PHE A 42 10.36 1.38 -23.95
N THR A 43 9.81 0.70 -24.97
CA THR A 43 9.51 1.31 -26.25
C THR A 43 8.05 1.10 -26.58
N ALA A 44 7.49 2.05 -27.33
CA ALA A 44 6.17 1.87 -27.91
C ALA A 44 6.24 2.45 -29.31
N GLY A 45 6.22 1.61 -30.32
CA GLY A 45 6.39 2.14 -31.67
C GLY A 45 7.75 2.80 -31.82
N ARG A 46 7.74 4.05 -32.30
CA ARG A 46 8.95 4.84 -32.46
C ARG A 46 9.29 5.66 -31.22
N ARG A 47 8.52 5.52 -30.14
CA ARG A 47 8.66 6.30 -28.93
C ARG A 47 9.49 5.50 -27.94
N ARG A 48 10.31 6.22 -27.15
CA ARG A 48 11.22 5.62 -26.19
C ARG A 48 11.00 6.33 -24.87
N TYR A 49 10.87 5.55 -23.79
CA TYR A 49 10.56 6.12 -22.49
C TYR A 49 11.44 5.50 -21.42
N THR A 50 11.63 6.25 -20.33
CA THR A 50 12.17 5.70 -19.10
C THR A 50 11.15 5.98 -18.00
N VAL A 51 10.77 4.96 -17.24
CA VAL A 51 9.99 5.18 -16.03
C VAL A 51 10.96 5.27 -14.86
N GLN A 52 10.87 6.39 -14.12
CA GLN A 52 11.68 6.65 -12.95
C GLN A 52 10.85 6.30 -11.71
N PHE A 53 11.20 5.20 -11.04
CA PHE A 53 10.42 4.80 -9.88
C PHE A 53 10.67 5.66 -8.67
N THR A 54 11.79 6.38 -8.65
CA THR A 54 12.11 7.19 -7.47
C THR A 54 11.30 8.48 -7.48
N THR A 55 10.75 8.84 -8.64
CA THR A 55 9.87 9.99 -8.72
C THR A 55 8.48 9.66 -9.22
N MET A 56 8.23 8.43 -9.65
CA MET A 56 6.92 8.04 -10.22
C MET A 56 6.57 8.93 -11.43
N VAL A 57 7.54 9.06 -12.36
CA VAL A 57 7.36 9.86 -13.56
C VAL A 57 7.95 9.07 -14.72
N GLN A 58 7.27 9.11 -15.84
CA GLN A 58 7.74 8.56 -17.09
C GLN A 58 8.28 9.70 -17.95
N VAL A 59 9.51 9.54 -18.46
CA VAL A 59 10.16 10.57 -19.27
C VAL A 59 10.29 10.07 -20.69
N ASN A 60 9.82 10.87 -21.64
CA ASN A 60 10.02 10.60 -23.04
C ASN A 60 11.50 10.86 -23.35
N GLU A 61 12.23 9.83 -23.84
CA GLU A 61 13.66 10.01 -23.95
C GLU A 61 14.01 10.99 -25.05
N GLU A 62 13.14 11.16 -26.05
CA GLU A 62 13.42 12.08 -27.14
C GLU A 62 13.13 13.53 -26.76
N THR A 63 11.98 13.78 -26.12
CA THR A 63 11.55 15.16 -25.92
C THR A 63 11.73 15.62 -24.47
N GLY A 64 11.93 14.69 -23.55
CA GLY A 64 11.98 15.08 -22.18
C GLY A 64 10.61 15.25 -21.54
N ASN A 65 9.51 15.06 -22.30
CA ASN A 65 8.18 15.23 -21.70
C ASN A 65 7.99 14.28 -20.52
N ARG A 66 7.47 14.80 -19.42
CA ARG A 66 7.23 14.03 -18.21
CA ARG A 66 7.23 14.03 -18.22
C ARG A 66 5.74 13.71 -18.08
N ARG A 67 5.41 12.43 -17.83
CA ARG A 67 4.07 12.02 -17.53
C ARG A 67 4.07 11.30 -16.19
N PRO A 68 3.21 11.69 -15.26
CA PRO A 68 3.17 10.98 -13.98
C PRO A 68 2.70 9.55 -14.17
N VAL A 69 3.21 8.67 -13.30
CA VAL A 69 2.73 7.30 -13.29
C VAL A 69 2.21 6.95 -11.92
N MET A 70 1.40 5.90 -11.87
CA MET A 70 0.91 5.36 -10.62
C MET A 70 0.85 3.84 -10.66
N LEU A 71 0.91 3.26 -9.48
CA LEU A 71 0.79 1.84 -9.27
C LEU A 71 -0.55 1.61 -8.56
N THR A 72 -1.46 0.87 -9.20
CA THR A 72 -2.71 0.58 -8.49
C THR A 72 -2.44 -0.35 -7.30
N LEU A 73 -3.21 -0.20 -6.23
CA LEU A 73 -3.02 -0.99 -5.02
C LEU A 73 -4.30 -1.76 -4.71
N LEU A 74 -4.15 -3.06 -4.40
CA LEU A 74 -5.28 -3.93 -4.03
C LEU A 74 -5.50 -3.86 -2.52
N ARG A 75 -6.76 -3.90 -2.14
CA ARG A 75 -7.14 -3.78 -0.73
C ARG A 75 -6.60 -4.94 0.08
N VAL A 76 -6.13 -4.64 1.29
CA VAL A 76 -5.74 -5.65 2.26
C VAL A 76 -6.46 -5.36 3.57
N PRO A 77 -7.26 -6.28 4.11
CA PRO A 77 -7.61 -7.57 3.51
C PRO A 77 -8.51 -7.40 2.29
N ARG A 78 -8.67 -8.49 1.57
CA ARG A 78 -9.56 -8.53 0.43
C ARG A 78 -11.02 -8.58 0.87
N LEU A 79 -11.90 -7.96 0.07
CA LEU A 79 -13.33 -8.04 0.37
C LEU A 79 -13.93 -9.35 -0.14
N ASN A 80 -14.99 -9.78 0.53
CA ASN A 80 -15.77 -10.95 0.06
C ASN A 80 -16.50 -10.66 -1.26
N ASN B 6 2.47 14.61 5.17
CA ASN B 6 2.79 14.96 3.79
C ASN B 6 2.69 13.76 2.91
N ASN B 7 1.63 12.98 3.12
CA ASN B 7 1.56 11.76 2.36
C ASN B 7 0.86 11.90 1.03
N TRP B 8 0.05 12.97 0.79
CA TRP B 8 -0.60 13.15 -0.49
C TRP B 8 0.20 14.11 -1.34
N ARG B 9 0.17 13.88 -2.67
CA ARG B 9 0.85 14.75 -3.63
C ARG B 9 -0.01 14.97 -4.85
N TRP B 10 0.19 16.11 -5.49
CA TRP B 10 -0.43 16.37 -6.79
C TRP B 10 0.69 16.71 -7.78
N PHE B 11 0.48 16.41 -9.07
CA PHE B 11 1.57 16.60 -10.00
C PHE B 11 1.43 17.97 -10.65
N ASP B 12 2.52 18.73 -10.63
CA ASP B 12 2.57 20.06 -11.24
C ASP B 12 3.20 19.86 -12.62
N ASP B 13 2.37 19.99 -13.67
CA ASP B 13 2.84 19.80 -15.04
C ASP B 13 3.77 20.92 -15.49
N ARG B 14 3.68 22.12 -14.88
CA ARG B 14 4.55 23.19 -15.36
C ARG B 14 5.99 22.91 -14.95
N SER B 15 6.18 22.52 -13.68
CA SER B 15 7.52 22.19 -13.23
C SER B 15 7.91 20.74 -13.51
N GLY B 16 6.92 19.87 -13.75
CA GLY B 16 7.23 18.48 -13.98
C GLY B 16 7.57 17.71 -12.71
N ARG B 17 6.97 18.09 -11.57
CA ARG B 17 7.29 17.46 -10.30
C ARG B 17 6.03 17.21 -9.48
N TRP B 18 6.04 16.14 -8.69
CA TRP B 18 5.01 15.95 -7.69
C TRP B 18 5.23 16.91 -6.54
N CYS B 19 4.12 17.41 -5.98
CA CYS B 19 4.16 18.46 -4.97
C CYS B 19 3.34 18.07 -3.76
N SER B 20 3.83 18.42 -2.58
CA SER B 20 3.09 18.16 -1.36
C SER B 20 2.03 19.22 -1.17
N TYR B 21 0.98 18.88 -0.45
CA TYR B 21 -0.02 19.85 -0.04
C TYR B 21 0.41 20.51 1.27
N SER B 22 -0.29 21.60 1.60
CA SER B 22 -0.13 22.17 2.93
C SER B 22 -0.55 21.14 3.98
N ALA B 23 -0.03 21.33 5.21
CA ALA B 23 -0.40 20.43 6.29
C ALA B 23 -1.91 20.36 6.43
N SER B 24 -2.57 21.52 6.41
CA SER B 24 -4.01 21.60 6.57
C SER B 24 -4.73 20.87 5.43
N ASN B 25 -4.30 21.09 4.20
CA ASN B 25 -4.99 20.42 3.08
C ASN B 25 -4.69 18.94 3.05
N ASN B 26 -3.45 18.55 3.37
CA ASN B 26 -3.15 17.13 3.44
C ASN B 26 -4.03 16.45 4.47
N SER B 27 -4.26 17.10 5.63
CA SER B 27 -5.10 16.49 6.65
C SER B 27 -6.54 16.37 6.18
N THR B 28 -7.06 17.40 5.50
CA THR B 28 -8.43 17.35 5.01
C THR B 28 -8.60 16.20 4.02
N ILE B 29 -7.64 16.08 3.10
CA ILE B 29 -7.67 15.01 2.11
C ILE B 29 -7.53 13.66 2.77
N ASP B 30 -6.54 13.53 3.67
CA ASP B 30 -6.28 12.21 4.25
C ASP B 30 -7.41 11.76 5.15
N SER B 31 -8.07 12.70 5.84
CA SER B 31 -9.18 12.30 6.68
C SER B 31 -10.35 11.79 5.84
N ALA B 32 -10.59 12.44 4.69
CA ALA B 32 -11.63 11.97 3.79
C ALA B 32 -11.27 10.61 3.22
N TRP B 33 -10.00 10.43 2.86
CA TRP B 33 -9.55 9.12 2.38
C TRP B 33 -9.87 8.04 3.40
N LYS B 34 -9.48 8.28 4.66
CA LYS B 34 -9.62 7.26 5.70
C LYS B 34 -11.09 6.98 6.01
N SER B 35 -11.97 7.95 5.80
N SER B 35 -11.98 7.95 5.81
CA SER B 35 -13.39 7.81 6.12
CA SER B 35 -13.39 7.74 6.15
C SER B 35 -14.17 7.10 5.03
C SER B 35 -14.18 7.09 5.03
N GLY B 36 -13.52 6.71 3.93
CA GLY B 36 -14.20 6.03 2.85
C GLY B 36 -14.96 6.92 1.89
N GLU B 37 -14.79 8.24 1.99
CA GLU B 37 -15.49 9.14 1.09
C GLU B 37 -14.96 8.95 -0.33
N THR B 38 -15.81 9.20 -1.33
CA THR B 38 -15.35 9.07 -2.72
C THR B 38 -14.66 10.31 -3.25
N SER B 39 -14.83 11.45 -2.59
CA SER B 39 -14.20 12.70 -3.01
C SER B 39 -14.12 13.62 -1.80
N VAL B 40 -13.38 14.72 -1.97
CA VAL B 40 -13.24 15.70 -0.90
C VAL B 40 -12.97 17.06 -1.50
N ARG B 41 -13.57 18.07 -0.89
CA ARG B 41 -13.36 19.48 -1.24
C ARG B 41 -12.38 20.09 -0.25
N PHE B 42 -11.50 20.95 -0.77
CA PHE B 42 -10.63 21.75 0.09
C PHE B 42 -10.39 23.08 -0.61
N THR B 43 -9.82 24.03 0.13
CA THR B 43 -9.52 25.34 -0.42
C THR B 43 -8.09 25.74 -0.11
N ALA B 44 -7.55 26.60 -0.96
CA ALA B 44 -6.27 27.24 -0.68
C ALA B 44 -6.68 28.71 -0.71
N GLY B 45 -6.82 29.30 0.47
CA GLY B 45 -7.43 30.62 0.54
C GLY B 45 -8.87 30.48 0.04
N ARG B 46 -9.27 31.30 -0.91
CA ARG B 46 -10.59 31.10 -1.48
C ARG B 46 -10.59 30.15 -2.68
N ARG B 47 -9.42 29.70 -3.16
CA ARG B 47 -9.42 28.84 -4.33
C ARG B 47 -9.94 27.46 -3.99
N ARG B 48 -10.89 26.96 -4.77
CA ARG B 48 -11.56 25.72 -4.46
C ARG B 48 -11.07 24.59 -5.35
N TYR B 49 -10.92 23.43 -4.72
CA TYR B 49 -10.50 22.19 -5.37
C TYR B 49 -11.38 21.03 -4.93
N THR B 50 -11.46 20.00 -5.78
CA THR B 50 -12.06 18.72 -5.38
C THR B 50 -11.06 17.62 -5.74
N VAL B 51 -10.74 16.74 -4.80
CA VAL B 51 -10.02 15.51 -5.12
C VAL B 51 -11.02 14.40 -5.30
N GLN B 52 -10.93 13.73 -6.46
CA GLN B 52 -11.79 12.63 -6.81
C GLN B 52 -11.00 11.33 -6.56
N PHE B 53 -11.35 10.59 -5.51
CA PHE B 53 -10.60 9.40 -5.16
C PHE B 53 -10.86 8.23 -6.11
N THR B 54 -11.98 8.24 -6.83
CA THR B 54 -12.27 7.14 -7.74
C THR B 54 -11.44 7.27 -9.01
N THR B 55 -10.93 8.47 -9.30
CA THR B 55 -10.07 8.66 -10.45
C THR B 55 -8.66 9.13 -10.08
N MET B 56 -8.42 9.44 -8.81
CA MET B 56 -7.12 9.93 -8.36
C MET B 56 -6.73 11.18 -9.12
N VAL B 57 -7.67 12.13 -9.18
CA VAL B 57 -7.46 13.39 -9.88
C VAL B 57 -7.97 14.53 -9.02
N GLN B 58 -7.23 15.64 -9.05
CA GLN B 58 -7.64 16.88 -8.43
C GLN B 58 -8.19 17.81 -9.51
N VAL B 59 -9.38 18.34 -9.26
CA VAL B 59 -10.04 19.27 -10.16
C VAL B 59 -9.95 20.66 -9.55
N ASN B 60 -9.31 21.58 -10.30
CA ASN B 60 -9.28 22.98 -9.89
C ASN B 60 -10.66 23.55 -10.22
N GLU B 61 -11.40 23.96 -9.18
CA GLU B 61 -12.79 24.36 -9.43
C GLU B 61 -12.93 25.79 -9.91
N GLU B 62 -11.80 26.46 -10.25
CA GLU B 62 -11.83 27.78 -10.88
C GLU B 62 -11.37 27.75 -12.32
N THR B 63 -10.36 26.92 -12.62
CA THR B 63 -9.89 26.80 -13.98
C THR B 63 -10.38 25.55 -14.69
N GLY B 64 -10.82 24.55 -13.93
CA GLY B 64 -11.20 23.28 -14.49
C GLY B 64 -10.03 22.35 -14.75
N ASN B 65 -8.79 22.80 -14.51
CA ASN B 65 -7.67 21.93 -14.82
C ASN B 65 -7.69 20.69 -13.93
N ARG B 66 -7.35 19.53 -14.54
CA ARG B 66 -7.25 18.27 -13.83
C ARG B 66 -5.78 17.89 -13.68
N ARG B 67 -5.34 17.68 -12.42
CA ARG B 67 -3.99 17.25 -12.11
C ARG B 67 -4.09 15.90 -11.40
N PRO B 68 -3.23 14.95 -11.72
CA PRO B 68 -3.28 13.69 -11.00
C PRO B 68 -2.81 13.83 -9.56
N VAL B 69 -3.29 12.93 -8.68
CA VAL B 69 -2.83 12.87 -7.31
C VAL B 69 -2.27 11.49 -7.05
N MET B 70 -1.46 11.41 -5.98
CA MET B 70 -0.94 10.12 -5.55
C MET B 70 -0.88 10.10 -4.03
N LEU B 71 -0.98 8.89 -3.49
CA LEU B 71 -0.84 8.65 -2.07
C LEU B 71 0.50 7.94 -1.88
N THR B 72 1.41 8.56 -1.13
CA THR B 72 2.66 7.87 -0.90
C THR B 72 2.43 6.69 0.05
N LEU B 73 3.20 5.64 -0.16
CA LEU B 73 3.08 4.43 0.63
C LEU B 73 4.40 4.15 1.30
N LEU B 74 4.34 3.87 2.60
CA LEU B 74 5.53 3.54 3.37
C LEU B 74 5.76 2.03 3.39
N ARG B 75 7.03 1.63 3.42
CA ARG B 75 7.37 0.21 3.35
C ARG B 75 6.82 -0.55 4.55
N VAL B 76 6.35 -1.79 4.31
CA VAL B 76 5.94 -2.68 5.38
C VAL B 76 6.69 -4.00 5.22
N PRO B 77 7.46 -4.46 6.22
CA PRO B 77 7.74 -3.77 7.49
C PRO B 77 8.65 -2.56 7.26
N ARG B 78 8.83 -1.78 8.33
CA ARG B 78 9.74 -0.64 8.30
C ARG B 78 11.20 -1.12 8.38
N LEU B 79 12.10 -0.39 7.72
CA LEU B 79 13.52 -0.71 7.81
C LEU B 79 14.13 -0.20 9.12
N ASN B 80 15.17 -0.91 9.57
CA ASN B 80 16.06 -0.59 10.72
C ASN B 80 15.75 -1.35 12.00
N ASN C 6 -9.63 3.42 12.13
CA ASN C 6 -9.13 2.19 12.70
C ASN C 6 -8.57 1.25 11.67
N ASN C 7 -7.32 1.52 11.34
CA ASN C 7 -6.63 0.83 10.26
C ASN C 7 -5.63 -0.21 10.75
N TRP C 8 -5.22 -0.17 12.02
CA TRP C 8 -4.28 -1.16 12.55
C TRP C 8 -5.05 -2.31 13.16
N ARG C 9 -4.46 -3.51 13.10
CA ARG C 9 -5.03 -4.69 13.76
C ARG C 9 -3.97 -5.52 14.46
N TRP C 10 -4.37 -6.23 15.51
CA TRP C 10 -3.51 -7.16 16.20
C TRP C 10 -4.18 -8.53 16.14
N PHE C 11 -3.39 -9.60 16.08
CA PHE C 11 -3.97 -10.93 15.92
C PHE C 11 -4.19 -11.57 17.28
N ASP C 12 -5.38 -12.13 17.48
CA ASP C 12 -5.73 -12.84 18.68
C ASP C 12 -5.68 -14.34 18.38
N ASP C 13 -4.63 -15.02 18.90
CA ASP C 13 -4.53 -16.46 18.59
C ASP C 13 -5.59 -17.27 19.32
N ARG C 14 -6.20 -16.74 20.36
CA ARG C 14 -7.22 -17.49 21.05
C ARG C 14 -8.49 -17.62 20.21
N SER C 15 -8.94 -16.53 19.61
CA SER C 15 -10.10 -16.55 18.75
C SER C 15 -9.76 -16.82 17.29
N GLY C 16 -8.49 -16.71 16.91
CA GLY C 16 -8.09 -16.93 15.54
C GLY C 16 -8.47 -15.82 14.61
N ARG C 17 -8.52 -14.57 15.09
CA ARG C 17 -8.96 -13.46 14.24
C ARG C 17 -8.11 -12.22 14.49
N TRP C 18 -7.99 -11.40 13.47
CA TRP C 18 -7.45 -10.06 13.62
C TRP C 18 -8.49 -9.18 14.31
N CYS C 19 -8.00 -8.28 15.16
CA CYS C 19 -8.84 -7.44 16.01
C CYS C 19 -8.43 -5.98 15.89
N SER C 20 -9.41 -5.09 15.99
CA SER C 20 -9.10 -3.67 15.97
C SER C 20 -8.63 -3.17 17.32
N TYR C 21 -7.93 -2.06 17.29
CA TYR C 21 -7.57 -1.32 18.48
C TYR C 21 -8.69 -0.32 18.84
N SER C 22 -8.61 0.22 20.05
CA SER C 22 -9.46 1.36 20.38
C SER C 22 -9.07 2.52 19.49
N ALA C 23 -9.98 3.49 19.36
CA ALA C 23 -9.69 4.67 18.54
C ALA C 23 -8.42 5.36 19.03
N SER C 24 -8.28 5.53 20.35
CA SER C 24 -7.12 6.26 20.85
C SER C 24 -5.84 5.48 20.66
N ASN C 25 -5.87 4.16 20.87
CA ASN C 25 -4.65 3.39 20.71
C ASN C 25 -4.29 3.30 19.23
N ASN C 26 -5.29 3.15 18.36
CA ASN C 26 -5.01 3.18 16.94
C ASN C 26 -4.35 4.51 16.56
N SER C 27 -4.86 5.61 17.11
CA SER C 27 -4.29 6.91 16.76
C SER C 27 -2.86 7.02 17.22
N THR C 28 -2.54 6.53 18.43
CA THR C 28 -1.17 6.57 18.91
C THR C 28 -0.26 5.76 18.00
N ILE C 29 -0.71 4.57 17.63
CA ILE C 29 0.11 3.72 16.75
C ILE C 29 0.27 4.38 15.39
N ASP C 30 -0.85 4.85 14.82
CA ASP C 30 -0.80 5.36 13.45
C ASP C 30 0.02 6.64 13.37
N SER C 31 -0.02 7.47 14.42
N SER C 31 -0.02 7.46 14.42
CA SER C 31 0.77 8.69 14.42
CA SER C 31 0.77 8.69 14.41
C SER C 31 2.25 8.39 14.42
C SER C 31 2.26 8.38 14.40
N ALA C 32 2.67 7.39 15.20
CA ALA C 32 4.08 7.00 15.17
C ALA C 32 4.44 6.40 13.82
N TRP C 33 3.53 5.61 13.22
CA TRP C 33 3.78 5.05 11.90
C TRP C 33 4.04 6.15 10.89
N LYS C 34 3.14 7.13 10.84
CA LYS C 34 3.23 8.18 9.83
C LYS C 34 4.45 9.09 10.08
N SER C 35 4.94 9.13 11.33
CA SER C 35 6.07 9.97 11.72
C SER C 35 7.42 9.32 11.43
N GLY C 36 7.44 8.08 10.99
CA GLY C 36 8.70 7.43 10.66
C GLY C 36 9.39 6.75 11.81
N GLU C 37 8.76 6.65 12.97
CA GLU C 37 9.37 6.01 14.11
C GLU C 37 9.51 4.51 13.86
N THR C 38 10.52 3.88 14.49
CA THR C 38 10.65 2.42 14.31
C THR C 38 9.80 1.63 15.28
N SER C 39 9.30 2.26 16.34
CA SER C 39 8.45 1.57 17.27
C SER C 39 7.66 2.62 18.03
N VAL C 40 6.65 2.14 18.77
CA VAL C 40 5.83 3.05 19.58
C VAL C 40 5.29 2.26 20.76
N ARG C 41 5.15 2.93 21.89
CA ARG C 41 4.52 2.34 23.05
C ARG C 41 3.13 2.92 23.28
N PHE C 42 2.25 2.07 23.79
CA PHE C 42 0.97 2.56 24.24
C PHE C 42 0.55 1.74 25.45
N THR C 43 -0.43 2.28 26.17
CA THR C 43 -0.93 1.66 27.36
C THR C 43 -2.39 1.29 27.11
N ALA C 44 -2.74 0.07 27.52
CA ALA C 44 -4.12 -0.38 27.40
C ALA C 44 -4.45 -1.20 28.61
N GLY C 45 -5.42 -0.70 29.36
CA GLY C 45 -5.73 -1.20 30.67
C GLY C 45 -4.56 -0.95 31.62
N ARG C 46 -4.11 -2.09 32.14
CA ARG C 46 -3.01 -2.24 33.09
C ARG C 46 -1.76 -2.78 32.42
N ARG C 47 -1.61 -2.62 31.09
CA ARG C 47 -0.43 -3.14 30.41
C ARG C 47 0.14 -2.11 29.46
N ARG C 48 1.47 -2.12 29.35
CA ARG C 48 2.16 -1.31 28.35
C ARG C 48 2.62 -2.23 27.24
N TYR C 49 2.46 -1.80 26.00
CA TYR C 49 2.82 -2.60 24.86
C TYR C 49 3.76 -1.80 23.96
N THR C 50 4.66 -2.49 23.26
CA THR C 50 5.47 -1.85 22.24
C THR C 50 5.12 -2.47 20.91
N VAL C 51 4.74 -1.62 19.94
CA VAL C 51 4.56 -2.10 18.56
C VAL C 51 5.88 -1.86 17.87
N GLN C 52 6.47 -2.94 17.35
CA GLN C 52 7.74 -2.88 16.66
C GLN C 52 7.44 -2.84 15.17
N PHE C 53 7.63 -1.68 14.55
CA PHE C 53 7.27 -1.55 13.15
C PHE C 53 8.26 -2.27 12.24
N THR C 54 9.48 -2.54 12.73
CA THR C 54 10.45 -3.21 11.88
C THR C 54 10.18 -4.70 11.78
N THR C 55 9.36 -5.25 12.70
CA THR C 55 8.98 -6.65 12.62
C THR C 55 7.48 -6.87 12.52
N MET C 56 6.68 -5.82 12.67
CA MET C 56 5.23 -5.94 12.66
C MET C 56 4.78 -6.93 13.75
N VAL C 57 5.34 -6.73 14.96
CA VAL C 57 4.98 -7.53 16.13
C VAL C 57 4.79 -6.60 17.30
N GLN C 58 3.78 -6.89 18.12
CA GLN C 58 3.53 -6.14 19.36
C GLN C 58 3.97 -6.96 20.56
N VAL C 59 4.71 -6.34 21.50
CA VAL C 59 5.22 -7.02 22.66
C VAL C 59 4.49 -6.48 23.90
N ASN C 60 3.90 -7.37 24.66
CA ASN C 60 3.33 -7.03 25.96
C ASN C 60 4.52 -6.87 26.91
N GLU C 61 4.74 -5.65 27.44
CA GLU C 61 5.96 -5.44 28.21
C GLU C 61 5.85 -6.04 29.61
N GLU C 62 4.64 -6.33 30.08
CA GLU C 62 4.44 -6.98 31.38
CA GLU C 62 4.54 -6.98 31.38
C GLU C 62 4.84 -8.47 31.31
N THR C 63 4.38 -9.16 30.26
CA THR C 63 4.55 -10.60 30.24
C THR C 63 5.57 -11.08 29.21
N GLY C 64 5.87 -10.26 28.22
CA GLY C 64 6.70 -10.66 27.10
C GLY C 64 5.94 -11.30 25.95
N ASN C 65 4.62 -11.50 26.09
CA ASN C 65 3.86 -12.12 25.01
C ASN C 65 3.90 -11.29 23.73
N ARG C 66 4.07 -11.97 22.61
CA ARG C 66 4.13 -11.34 21.31
C ARG C 66 2.89 -11.63 20.50
N ARG C 67 2.34 -10.60 19.86
CA ARG C 67 1.22 -10.73 18.94
C ARG C 67 1.55 -10.03 17.63
N PRO C 68 1.31 -10.67 16.51
CA PRO C 68 1.54 -10.00 15.23
C PRO C 68 0.55 -8.86 15.02
N VAL C 69 0.99 -7.86 14.27
CA VAL C 69 0.14 -6.73 13.90
C VAL C 69 0.10 -6.61 12.39
N MET C 70 -0.91 -5.90 11.91
CA MET C 70 -1.01 -5.59 10.51
C MET C 70 -1.60 -4.18 10.31
N LEU C 71 -1.30 -3.59 9.16
CA LEU C 71 -1.82 -2.31 8.74
C LEU C 71 -2.74 -2.60 7.57
N THR C 72 -4.02 -2.26 7.72
CA THR C 72 -4.91 -2.44 6.60
C THR C 72 -4.58 -1.43 5.51
N LEU C 73 -4.84 -1.80 4.26
CA LEU C 73 -4.61 -0.94 3.12
C LEU C 73 -5.91 -0.82 2.37
N LEU C 74 -6.26 0.44 1.99
CA LEU C 74 -7.42 0.74 1.18
C LEU C 74 -7.05 0.75 -0.30
N ARG C 75 -7.99 0.33 -1.14
CA ARG C 75 -7.75 0.21 -2.56
C ARG C 75 -7.43 1.56 -3.19
N VAL C 76 -6.50 1.56 -4.14
CA VAL C 76 -6.18 2.74 -4.94
C VAL C 76 -6.24 2.35 -6.41
N PRO C 77 -7.08 3.00 -7.22
CA PRO C 77 -8.03 4.06 -6.84
C PRO C 77 -9.19 3.48 -6.04
N ARG C 78 -10.03 4.35 -5.49
CA ARG C 78 -11.22 3.95 -4.77
C ARG C 78 -12.33 3.54 -5.75
N LEU C 79 -13.15 2.57 -5.33
CA LEU C 79 -14.30 2.15 -6.13
C LEU C 79 -15.45 3.14 -5.93
N ASN C 80 -16.30 3.24 -6.95
CA ASN C 80 -17.51 4.06 -6.85
C ASN C 80 -18.56 3.48 -5.90
N ASN D 7 7.60 -12.23 -0.61
CA ASN D 7 6.74 -11.16 -0.18
C ASN D 7 5.60 -11.57 0.76
N TRP D 8 5.22 -12.86 0.83
CA TRP D 8 4.21 -13.30 1.80
C TRP D 8 4.89 -13.89 3.03
N ARG D 9 4.28 -13.68 4.19
CA ARG D 9 4.82 -14.23 5.44
C ARG D 9 3.69 -14.80 6.27
N TRP D 10 4.01 -15.80 7.09
CA TRP D 10 3.07 -16.33 8.07
C TRP D 10 3.70 -16.25 9.46
N PHE D 11 2.89 -16.03 10.50
CA PHE D 11 3.45 -15.83 11.84
C PHE D 11 3.49 -17.17 12.55
N ASP D 12 4.62 -17.47 13.19
CA ASP D 12 4.81 -18.70 13.97
C ASP D 12 4.79 -18.36 15.44
N ASP D 13 3.70 -18.66 16.13
CA ASP D 13 3.62 -18.30 17.55
C ASP D 13 4.58 -19.13 18.40
N ARG D 14 5.04 -20.26 17.85
CA ARG D 14 5.99 -21.07 18.60
C ARG D 14 7.34 -20.37 18.71
N SER D 15 7.78 -19.72 17.64
CA SER D 15 9.02 -18.96 17.66
C SER D 15 8.80 -17.47 17.95
N GLY D 16 7.57 -16.97 17.84
CA GLY D 16 7.32 -15.55 18.04
C GLY D 16 7.78 -14.69 16.88
N ARG D 17 7.85 -15.25 15.66
CA ARG D 17 8.40 -14.53 14.53
C ARG D 17 7.56 -14.78 13.28
N TRP D 18 7.56 -13.78 12.40
CA TRP D 18 7.07 -13.99 11.04
C TRP D 18 8.06 -14.84 10.26
N CYS D 19 7.52 -15.67 9.38
CA CYS D 19 8.31 -16.63 8.63
C CYS D 19 7.99 -16.53 7.15
N SER D 20 8.99 -16.71 6.32
CA SER D 20 8.73 -16.67 4.89
C SER D 20 8.18 -18.03 4.40
N TYR D 21 7.47 -17.99 3.29
CA TYR D 21 7.09 -19.22 2.62
C TYR D 21 8.22 -19.70 1.71
N SER D 22 8.13 -20.96 1.28
CA SER D 22 9.03 -21.44 0.25
C SER D 22 8.81 -20.62 -1.02
N ALA D 23 9.82 -20.62 -1.90
CA ALA D 23 9.68 -19.89 -3.16
C ALA D 23 8.44 -20.35 -3.92
N SER D 24 8.20 -21.67 -3.97
CA SER D 24 7.05 -22.13 -4.74
C SER D 24 5.73 -21.76 -4.07
N ASN D 25 5.67 -21.84 -2.74
CA ASN D 25 4.41 -21.49 -2.08
C ASN D 25 4.18 -20.00 -2.14
N ASN D 26 5.24 -19.21 -2.02
CA ASN D 26 5.09 -17.78 -2.20
C ASN D 26 4.53 -17.45 -3.58
N SER D 27 5.03 -18.12 -4.61
CA SER D 27 4.54 -17.85 -5.95
C SER D 27 3.08 -18.27 -6.12
N THR D 28 2.71 -19.42 -5.55
CA THR D 28 1.32 -19.87 -5.62
C THR D 28 0.38 -18.89 -4.94
N ILE D 29 0.74 -18.44 -3.73
CA ILE D 29 -0.08 -17.48 -3.00
C ILE D 29 -0.16 -16.17 -3.75
N ASP D 30 0.99 -15.67 -4.20
CA ASP D 30 0.98 -14.36 -4.85
C ASP D 30 0.24 -14.41 -6.18
N SER D 31 0.32 -15.53 -6.91
CA SER D 31 -0.43 -15.64 -8.16
C SER D 31 -1.94 -15.55 -7.92
N ALA D 32 -2.43 -16.21 -6.87
CA ALA D 32 -3.85 -16.10 -6.54
C ALA D 32 -4.20 -14.70 -6.06
N TRP D 33 -3.30 -14.07 -5.26
CA TRP D 33 -3.54 -12.70 -4.81
C TRP D 33 -3.73 -11.77 -6.01
N LYS D 34 -2.79 -11.83 -6.95
CA LYS D 34 -2.82 -10.94 -8.10
C LYS D 34 -4.01 -11.22 -9.01
N SER D 35 -4.51 -12.45 -9.02
CA SER D 35 -5.64 -12.84 -9.86
C SER D 35 -6.98 -12.44 -9.28
N GLY D 36 -7.00 -11.86 -8.09
CA GLY D 36 -8.25 -11.44 -7.48
C GLY D 36 -9.02 -12.52 -6.75
N GLU D 37 -8.44 -13.71 -6.59
CA GLU D 37 -9.14 -14.76 -5.87
C GLU D 37 -9.25 -14.46 -4.38
N THR D 38 -10.30 -15.02 -3.76
CA THR D 38 -10.48 -14.79 -2.33
C THR D 38 -9.68 -15.74 -1.44
N SER D 39 -9.15 -16.83 -1.99
CA SER D 39 -8.39 -17.79 -1.19
C SER D 39 -7.49 -18.58 -2.13
N VAL D 40 -6.58 -19.33 -1.53
CA VAL D 40 -5.66 -20.16 -2.32
C VAL D 40 -5.22 -21.37 -1.50
N ARG D 41 -5.03 -22.50 -2.18
CA ARG D 41 -4.60 -23.74 -1.55
C ARG D 41 -3.12 -23.91 -1.79
N PHE D 42 -2.46 -24.51 -0.80
CA PHE D 42 -1.07 -24.92 -0.96
C PHE D 42 -0.80 -26.09 -0.02
N THR D 43 0.35 -26.72 -0.18
CA THR D 43 0.79 -27.74 0.77
C THR D 43 2.20 -27.39 1.27
N ALA D 44 2.45 -27.68 2.55
CA ALA D 44 3.76 -27.52 3.18
C ALA D 44 4.04 -28.68 4.12
N GLY D 45 5.12 -29.41 3.87
CA GLY D 45 5.46 -30.52 4.75
C GLY D 45 4.43 -31.62 4.82
N ARG D 46 3.87 -31.98 3.66
CA ARG D 46 2.82 -33.00 3.55
C ARG D 46 1.51 -32.59 4.20
N ARG D 47 1.37 -31.33 4.61
CA ARG D 47 0.15 -30.80 5.22
C ARG D 47 -0.56 -29.88 4.23
N ARG D 48 -1.89 -29.91 4.22
CA ARG D 48 -2.66 -29.07 3.31
C ARG D 48 -3.12 -27.81 4.03
N TYR D 49 -3.00 -26.67 3.35
CA TYR D 49 -3.38 -25.39 3.93
C TYR D 49 -4.24 -24.58 2.95
N THR D 50 -5.08 -23.70 3.51
CA THR D 50 -5.77 -22.69 2.71
C THR D 50 -5.42 -21.33 3.25
N VAL D 51 -5.03 -20.41 2.37
CA VAL D 51 -4.91 -19.01 2.78
C VAL D 51 -6.21 -18.31 2.44
N GLN D 52 -6.81 -17.67 3.45
CA GLN D 52 -8.03 -16.90 3.26
C GLN D 52 -7.66 -15.43 3.19
N PHE D 53 -7.75 -14.83 1.99
CA PHE D 53 -7.35 -13.44 1.83
C PHE D 53 -8.32 -12.45 2.44
N THR D 54 -9.58 -12.87 2.68
CA THR D 54 -10.54 -11.94 3.26
C THR D 54 -10.34 -11.79 4.76
N THR D 55 -9.67 -12.72 5.41
CA THR D 55 -9.33 -12.65 6.84
C THR D 55 -7.84 -12.63 7.08
N MET D 56 -7.03 -12.77 6.03
CA MET D 56 -5.57 -12.74 6.15
C MET D 56 -5.05 -13.77 7.15
N VAL D 57 -5.53 -15.03 6.97
CA VAL D 57 -5.08 -16.15 7.80
C VAL D 57 -4.82 -17.36 6.92
N GLN D 58 -3.89 -18.20 7.38
CA GLN D 58 -3.66 -19.52 6.82
C GLN D 58 -4.35 -20.54 7.72
N VAL D 59 -5.07 -21.49 7.13
CA VAL D 59 -5.81 -22.48 7.87
C VAL D 59 -5.22 -23.87 7.58
N ASN D 60 -4.83 -24.55 8.65
CA ASN D 60 -4.43 -25.95 8.55
C ASN D 60 -5.68 -26.79 8.30
N GLU D 61 -5.71 -27.54 7.18
CA GLU D 61 -6.96 -28.18 6.82
C GLU D 61 -7.29 -29.38 7.70
N GLU D 62 -6.28 -29.97 8.34
CA GLU D 62 -6.51 -31.12 9.20
C GLU D 62 -6.98 -30.69 10.57
N THR D 63 -6.35 -29.65 11.14
CA THR D 63 -6.58 -29.27 12.52
C THR D 63 -7.46 -28.04 12.68
N GLY D 64 -7.61 -27.25 11.62
CA GLY D 64 -8.36 -26.02 11.74
C GLY D 64 -7.55 -24.87 12.30
N ASN D 65 -6.30 -25.10 12.69
CA ASN D 65 -5.51 -24.04 13.31
C ASN D 65 -5.31 -22.88 12.33
N ARG D 66 -5.51 -21.66 12.81
CA ARG D 66 -5.37 -20.44 12.03
C ARG D 66 -4.12 -19.70 12.46
N ARG D 67 -3.26 -19.39 11.48
CA ARG D 67 -2.08 -18.55 11.68
C ARG D 67 -2.20 -17.33 10.79
N PRO D 68 -1.85 -16.16 11.29
CA PRO D 68 -1.97 -14.96 10.48
C PRO D 68 -0.94 -14.91 9.37
N VAL D 69 -1.31 -14.24 8.27
CA VAL D 69 -0.40 -13.99 7.16
C VAL D 69 -0.31 -12.49 6.92
N MET D 70 0.75 -12.10 6.22
CA MET D 70 0.93 -10.71 5.84
C MET D 70 1.60 -10.64 4.48
N LEU D 71 1.33 -9.54 3.80
CA LEU D 71 1.90 -9.20 2.51
C LEU D 71 2.85 -8.02 2.74
N THR D 72 4.14 -8.20 2.42
CA THR D 72 5.07 -7.09 2.53
C THR D 72 4.77 -6.10 1.40
N LEU D 73 5.03 -4.83 1.67
CA LEU D 73 4.75 -3.76 0.75
C LEU D 73 6.02 -2.99 0.47
N LEU D 74 6.21 -2.64 -0.81
CA LEU D 74 7.33 -1.84 -1.27
C LEU D 74 6.95 -0.36 -1.21
N ARG D 75 7.93 0.49 -0.88
CA ARG D 75 7.67 1.91 -0.73
C ARG D 75 7.33 2.52 -2.08
N VAL D 76 6.38 3.47 -2.09
CA VAL D 76 6.07 4.24 -3.28
C VAL D 76 6.12 5.72 -2.91
N PRO D 77 6.96 6.54 -3.55
CA PRO D 77 7.95 6.17 -4.57
C PRO D 77 9.07 5.33 -3.95
N ARG D 78 9.91 4.80 -4.83
CA ARG D 78 11.08 4.03 -4.41
C ARG D 78 12.17 4.98 -3.94
N LEU D 79 12.98 4.54 -2.97
CA LEU D 79 14.11 5.34 -2.53
C LEU D 79 15.30 5.21 -3.49
N ASN D 80 16.09 6.28 -3.58
CA ASN D 80 17.29 6.26 -4.43
C ASN D 80 18.35 5.28 -3.92
CL CL E . 5.36 11.56 -23.96
N1 YGC F . -3.20 8.38 -27.32
C7 YGC F . 0.16 8.09 -25.99
C8 YGC F . -1.10 7.67 -26.37
C10 YGC F . -0.09 5.95 -25.63
N12 YGC F . -1.50 9.91 -27.00
C13 YGC F . -1.97 8.64 -26.90
C24 YGC F . 2.91 3.56 -23.93
C11 YGC F . -0.26 10.17 -26.59
C27 YGC F . 3.10 5.05 -23.89
C29 YGC F . 2.14 6.92 -24.95
C30 YGC F . 2.11 7.14 -23.44
C31 YGC F . 2.20 5.74 -22.87
F25 YGC F . 3.22 7.88 -23.03
N14 YGC F . 0.65 9.33 -26.07
N6 YGC F . 0.81 6.98 -25.52
N9 YGC F . -1.25 6.31 -26.12
O15 YGC F . 1.91 1.05 -23.55
O16 YGC F . -0.13 0.42 -27.18
O17 YGC F . -0.43 1.77 -24.33
O18 YGC F . 1.87 1.47 -28.36
O19 YGC F . 2.20 -0.37 -26.66
O2 YGC F . 2.47 -1.89 -28.68
O21 YGC F . 1.52 1.84 -25.94
O23 YGC F . 1.49 3.35 -24.04
O26 YGC F . 2.84 5.83 -21.61
O28 YGC F . 2.66 5.61 -25.15
O3 YGC F . 4.51 -0.86 -27.69
O4 YGC F . 3.36 -2.78 -26.47
P20 YGC F . 1.28 0.84 -27.17
P22 YGC F . 1.04 1.87 -24.42
P5 YGC F . 3.17 -1.55 -27.36
CL CL G . 0.52 15.89 -16.19
CL CL H . -0.45 -9.73 24.91
N1 YGC I . -10.17 -9.38 24.41
C7 YGC I . -6.77 -8.08 24.44
C8 YGC I . -8.14 -8.03 24.33
C10 YGC I . -7.46 -6.04 24.08
N12 YGC I . -8.10 -10.37 24.68
C13 YGC I . -8.83 -9.25 24.47
C24 YGC I . -4.99 -2.98 23.02
C11 YGC I . -6.77 -10.26 24.74
C27 YGC I . -4.32 -4.30 23.29
C29 YGC I . -4.95 -6.34 24.29
C30 YGC I . -4.28 -6.63 22.94
C31 YGC I . -4.46 -5.34 22.19
F25 YGC I . -2.92 -6.86 23.14
N14 YGC I . -6.01 -9.15 24.65
N6 YGC I . -6.32 -6.78 24.28
N9 YGC I . -8.57 -6.73 24.11
O15 YGC I . -6.73 -0.95 21.89
O16 YGC I . -8.89 -2.66 25.81
O17 YGC I . -8.68 -2.65 22.17
O18 YGC I . -8.04 -0.27 26.18
O19 YGC I . -9.71 -0.77 24.35
O2 YGC I . -11.87 0.14 23.28
O21 YGC I . -7.42 -1.61 24.13
O23 YGC I . -6.36 -3.28 22.71
O26 YGC I . -3.50 -5.12 21.17
O28 YGC I . -4.92 -4.93 24.44
O3 YGC I . -11.95 -0.94 25.51
O4 YGC I . -10.94 1.37 25.29
P20 YGC I . -8.53 -1.34 25.26
P22 YGC I . -7.38 -2.05 22.59
P5 YGC I . -11.16 0.03 24.64
NA NA J . 5.69 -14.88 22.72
#